data_5L7Z
#
_entry.id   5L7Z
#
_cell.length_a   79.890
_cell.length_b   79.890
_cell.length_c   237.280
_cell.angle_alpha   90.00
_cell.angle_beta   90.00
_cell.angle_gamma   120.00
#
_symmetry.space_group_name_H-M   'P 61 2 2'
#
loop_
_entity.id
_entity.type
_entity.pdbx_description
1 polymer 'Maternal protein exuperantia'
2 water water
#
_entity_poly.entity_id   1
_entity_poly.type   'polypeptide(L)'
_entity_poly.pdbx_seq_one_letter_code
;MVADNIDAGVAIAVADQSSSPVGDKVELPAGNYILVGVDIDTTGRRLMDEIVQLAAYTPTDHFEQYIMPYMNLNPAARQR
HQVRVISIGFYRMLKSMQTYKIIKSKSEIAALKDFLNWLEQLKTKAGPSSDGIVLIYHEERKFIPYMILESLKKYGLLER
FTASVKSFANSINLAKASIGDANIKNYSLRKLSKILSTTKEEDAACSASTSGSGSGLGSGSSMVSDSVSISPRDSTVTNG
DDKQSSKNAVQGKRELFDGNASVRAKLAFDVALQLSNSDGKPEPKSSEALENMFNAIRPFAKLVVSDVLELDIQIENLER
QNSFRPVFLNYFK
;
_entity_poly.pdbx_strand_id   A
#
# COMPACT_ATOMS: atom_id res chain seq x y z
N VAL A 26 -7.14 -18.94 -8.22
CA VAL A 26 -8.17 -17.99 -7.79
C VAL A 26 -8.69 -18.39 -6.43
N GLU A 27 -8.53 -17.52 -5.44
CA GLU A 27 -8.95 -17.81 -4.07
C GLU A 27 -9.84 -16.74 -3.45
N LEU A 28 -9.94 -15.55 -4.04
CA LEU A 28 -10.85 -14.53 -3.53
C LEU A 28 -12.21 -14.72 -4.17
N PRO A 29 -13.25 -15.08 -3.43
CA PRO A 29 -14.56 -15.29 -4.05
C PRO A 29 -15.17 -13.99 -4.52
N ALA A 30 -16.08 -14.10 -5.50
CA ALA A 30 -16.77 -12.93 -6.01
C ALA A 30 -17.56 -12.24 -4.90
N GLY A 31 -17.79 -10.94 -5.07
CA GLY A 31 -18.53 -10.19 -4.09
C GLY A 31 -18.47 -8.70 -4.36
N ASN A 32 -18.98 -7.94 -3.41
CA ASN A 32 -19.04 -6.48 -3.50
C ASN A 32 -17.93 -5.92 -2.60
N TYR A 33 -16.80 -5.58 -3.20
CA TYR A 33 -15.62 -5.14 -2.46
C TYR A 33 -15.35 -3.67 -2.72
N ILE A 34 -14.63 -3.06 -1.78
CA ILE A 34 -14.10 -1.71 -1.94
C ILE A 34 -12.65 -1.82 -2.36
N LEU A 35 -12.31 -1.16 -3.47
CA LEU A 35 -10.96 -1.20 -4.02
C LEU A 35 -10.17 0.00 -3.50
N VAL A 36 -8.99 -0.27 -2.95
CA VAL A 36 -8.19 0.74 -2.25
C VAL A 36 -6.74 0.56 -2.64
N GLY A 37 -6.15 1.58 -3.24
CA GLY A 37 -4.71 1.58 -3.48
C GLY A 37 -3.95 1.78 -2.18
N VAL A 38 -2.76 1.19 -2.11
CA VAL A 38 -1.95 1.24 -0.90
C VAL A 38 -0.48 1.18 -1.27
N ASP A 39 0.35 1.84 -0.46
CA ASP A 39 1.80 1.78 -0.63
C ASP A 39 2.43 2.28 0.66
N ILE A 40 3.74 2.07 0.77
CA ILE A 40 4.47 2.43 1.99
C ILE A 40 5.85 2.96 1.62
N ASP A 41 6.36 3.84 2.47
CA ASP A 41 7.74 4.27 2.45
C ASP A 41 8.45 3.68 3.66
N THR A 42 9.72 3.29 3.48
CA THR A 42 10.40 2.50 4.49
C THR A 42 11.85 2.96 4.64
N THR A 43 12.51 2.45 5.67
CA THR A 43 13.93 2.68 5.88
C THR A 43 14.80 1.74 5.05
N GLY A 44 14.20 0.76 4.38
CA GLY A 44 14.95 -0.18 3.57
C GLY A 44 13.99 -1.18 2.95
N ARG A 45 14.56 -2.08 2.14
CA ARG A 45 13.78 -2.99 1.31
C ARG A 45 13.82 -4.43 1.84
N ARG A 46 14.02 -4.60 3.14
CA ARG A 46 14.04 -5.92 3.76
C ARG A 46 13.02 -5.95 4.90
N LEU A 47 12.51 -7.15 5.19
CA LEU A 47 11.43 -7.29 6.16
C LEU A 47 11.83 -6.81 7.55
N MET A 48 13.12 -6.72 7.84
CA MET A 48 13.61 -6.23 9.12
C MET A 48 13.57 -4.72 9.22
N ASP A 49 13.26 -4.01 8.14
CA ASP A 49 13.25 -2.56 8.13
C ASP A 49 11.91 -2.05 8.67
N GLU A 50 11.68 -0.74 8.59
CA GLU A 50 10.55 -0.10 9.25
C GLU A 50 9.76 0.75 8.28
N ILE A 51 8.45 0.83 8.51
CA ILE A 51 7.59 1.69 7.72
C ILE A 51 7.75 3.13 8.20
N VAL A 52 7.98 4.03 7.24
CA VAL A 52 8.09 5.46 7.54
C VAL A 52 6.85 6.25 7.12
N GLN A 53 6.12 5.80 6.10
CA GLN A 53 4.83 6.37 5.77
C GLN A 53 3.91 5.26 5.28
N LEU A 54 2.66 5.31 5.72
CA LEU A 54 1.62 4.41 5.26
C LEU A 54 0.58 5.25 4.53
N ALA A 55 0.22 4.84 3.32
CA ALA A 55 -0.69 5.62 2.49
C ALA A 55 -1.68 4.72 1.78
N ALA A 56 -2.92 5.19 1.65
CA ALA A 56 -3.97 4.46 0.96
C ALA A 56 -4.85 5.46 0.23
N TYR A 57 -5.57 4.97 -0.80
CA TYR A 57 -6.28 5.87 -1.69
C TYR A 57 -7.54 5.23 -2.23
N THR A 58 -8.61 6.02 -2.27
CA THR A 58 -9.76 5.81 -3.14
C THR A 58 -10.09 7.14 -3.79
N PRO A 59 -10.86 7.14 -4.88
CA PRO A 59 -11.18 8.41 -5.54
C PRO A 59 -11.79 9.45 -4.63
N THR A 60 -12.57 9.04 -3.62
CA THR A 60 -13.27 9.97 -2.74
C THR A 60 -12.67 10.05 -1.35
N ASP A 61 -11.66 9.25 -1.02
CA ASP A 61 -11.13 9.20 0.33
C ASP A 61 -9.70 8.70 0.28
N HIS A 62 -8.81 9.36 1.02
CA HIS A 62 -7.41 8.97 1.06
C HIS A 62 -6.91 9.04 2.50
N PHE A 63 -5.85 8.28 2.76
CA PHE A 63 -5.23 8.20 4.08
C PHE A 63 -3.72 8.19 3.90
N GLU A 64 -3.03 8.97 4.72
CA GLU A 64 -1.57 8.95 4.74
C GLU A 64 -1.08 9.42 6.11
N GLN A 65 -0.05 8.75 6.62
CA GLN A 65 0.49 9.08 7.93
C GLN A 65 1.96 8.73 7.96
N TYR A 66 2.80 9.69 8.33
CA TYR A 66 4.22 9.42 8.53
C TYR A 66 4.45 8.80 9.90
N ILE A 67 5.44 7.90 9.96
CA ILE A 67 5.70 7.09 11.14
C ILE A 67 7.15 7.25 11.54
N MET A 68 7.40 7.43 12.82
CA MET A 68 8.75 7.65 13.33
C MET A 68 9.47 6.31 13.48
N PRO A 69 10.59 6.10 12.81
CA PRO A 69 11.33 4.84 12.95
C PRO A 69 12.30 4.85 14.13
N TYR A 70 12.65 3.64 14.58
CA TYR A 70 13.69 3.49 15.59
C TYR A 70 15.07 3.75 15.00
N MET A 71 15.32 3.21 13.81
CA MET A 71 16.57 3.43 13.10
C MET A 71 16.39 4.60 12.15
N ASN A 72 17.46 4.94 11.44
CA ASN A 72 17.42 5.94 10.39
C ASN A 72 17.24 5.23 9.04
N LEU A 73 16.79 6.01 8.05
CA LEU A 73 16.69 5.49 6.70
C LEU A 73 18.09 5.27 6.14
N ASN A 74 18.26 4.17 5.39
CA ASN A 74 19.54 3.92 4.77
C ASN A 74 19.72 4.83 3.55
N PRO A 75 20.96 4.98 3.06
CA PRO A 75 21.18 5.96 1.98
C PRO A 75 20.21 5.82 0.82
N ALA A 76 19.97 4.60 0.33
CA ALA A 76 19.07 4.42 -0.81
C ALA A 76 17.66 4.87 -0.46
N ALA A 77 17.21 4.58 0.76
CA ALA A 77 15.86 4.98 1.17
C ALA A 77 15.75 6.49 1.31
N ARG A 78 16.78 7.14 1.84
CA ARG A 78 16.76 8.60 1.92
C ARG A 78 16.62 9.23 0.54
N GLN A 79 17.43 8.77 -0.42
CA GLN A 79 17.32 9.29 -1.79
C GLN A 79 15.95 8.98 -2.39
N ARG A 80 15.44 7.77 -2.16
CA ARG A 80 14.18 7.36 -2.79
C ARG A 80 13.02 8.24 -2.33
N HIS A 81 12.85 8.39 -1.02
CA HIS A 81 11.71 9.11 -0.47
C HIS A 81 12.01 10.58 -0.17
N GLN A 82 13.29 10.99 -0.22
CA GLN A 82 13.67 12.37 0.09
C GLN A 82 13.22 12.76 1.50
N VAL A 83 13.33 11.81 2.42
CA VAL A 83 13.06 12.03 3.84
C VAL A 83 14.24 11.46 4.62
N ARG A 84 14.61 12.15 5.70
CA ARG A 84 15.68 11.68 6.57
C ARG A 84 15.32 12.00 8.02
N VAL A 85 16.04 11.38 8.94
CA VAL A 85 15.90 11.65 10.36
C VAL A 85 17.01 12.58 10.79
N ILE A 86 16.65 13.66 11.49
CA ILE A 86 17.62 14.57 12.07
C ILE A 86 17.54 14.47 13.59
N SER A 87 18.61 14.89 14.24
CA SER A 87 18.67 14.94 15.69
C SER A 87 18.80 16.38 16.14
N ILE A 88 18.01 16.75 17.16
CA ILE A 88 18.11 18.05 17.81
C ILE A 88 18.31 17.75 19.29
N GLY A 89 19.55 17.80 19.75
CA GLY A 89 19.86 17.32 21.08
C GLY A 89 19.59 15.84 21.16
N PHE A 90 18.78 15.43 22.13
CA PHE A 90 18.43 14.03 22.32
C PHE A 90 17.11 13.66 21.66
N TYR A 91 16.54 14.55 20.86
CA TYR A 91 15.30 14.28 20.14
C TYR A 91 15.60 13.94 18.68
N ARG A 92 14.77 13.05 18.12
CA ARG A 92 14.84 12.67 16.72
C ARG A 92 13.51 12.96 16.05
N MET A 93 13.58 13.34 14.77
CA MET A 93 12.36 13.71 14.04
C MET A 93 12.63 13.66 12.54
N LEU A 94 11.57 13.42 11.78
CA LEU A 94 11.68 13.35 10.33
C LEU A 94 11.77 14.75 9.73
N LYS A 95 12.49 14.84 8.61
CA LYS A 95 12.66 16.11 7.89
C LYS A 95 12.60 15.83 6.40
N SER A 96 11.93 16.72 5.68
CA SER A 96 11.86 16.62 4.22
C SER A 96 13.12 17.19 3.59
N MET A 97 13.73 16.42 2.69
CA MET A 97 14.89 16.90 1.95
C MET A 97 14.51 17.75 0.74
N GLN A 98 13.22 17.92 0.48
CA GLN A 98 12.73 18.82 -0.56
C GLN A 98 12.34 20.18 0.00
N THR A 99 11.49 20.19 1.02
CA THR A 99 11.05 21.43 1.66
C THR A 99 11.97 21.87 2.79
N TYR A 100 12.79 20.97 3.32
CA TYR A 100 13.64 21.22 4.48
C TYR A 100 12.84 21.51 5.75
N LYS A 101 11.54 21.24 5.73
CA LYS A 101 10.68 21.45 6.88
C LYS A 101 10.51 20.15 7.66
N ILE A 102 10.28 20.29 8.96
CA ILE A 102 10.05 19.14 9.82
C ILE A 102 8.75 18.44 9.40
N ILE A 103 8.77 17.12 9.44
CA ILE A 103 7.60 16.31 9.10
C ILE A 103 7.01 15.77 10.40
N LYS A 104 5.77 16.15 10.71
CA LYS A 104 5.09 15.62 11.87
C LYS A 104 4.78 14.14 11.65
N SER A 105 5.03 13.33 12.68
CA SER A 105 4.89 11.90 12.58
C SER A 105 4.28 11.35 13.87
N LYS A 106 3.79 10.12 13.78
CA LYS A 106 3.24 9.40 14.92
C LYS A 106 4.02 8.10 15.11
N SER A 107 3.73 7.43 16.22
CA SER A 107 4.25 6.08 16.41
C SER A 107 3.58 5.12 15.43
N GLU A 108 4.22 3.96 15.24
CA GLU A 108 3.68 2.97 14.33
C GLU A 108 2.32 2.46 14.81
N ILE A 109 2.16 2.27 16.12
CA ILE A 109 0.91 1.74 16.64
C ILE A 109 -0.21 2.76 16.47
N ALA A 110 0.05 4.04 16.76
CA ALA A 110 -0.99 5.05 16.61
C ALA A 110 -1.37 5.23 15.15
N ALA A 111 -0.39 5.18 14.25
CA ALA A 111 -0.70 5.27 12.83
C ALA A 111 -1.55 4.10 12.37
N LEU A 112 -1.24 2.89 12.84
CA LEU A 112 -2.01 1.71 12.47
C LEU A 112 -3.43 1.80 13.00
N LYS A 113 -3.61 2.28 14.23
CA LYS A 113 -4.96 2.42 14.77
C LYS A 113 -5.76 3.45 13.99
N ASP A 114 -5.12 4.54 13.56
CA ASP A 114 -5.80 5.47 12.65
C ASP A 114 -6.16 4.78 11.35
N PHE A 115 -5.22 4.00 10.80
CA PHE A 115 -5.48 3.30 9.54
C PHE A 115 -6.65 2.34 9.67
N LEU A 116 -6.70 1.57 10.76
CA LEU A 116 -7.79 0.63 10.95
C LEU A 116 -9.13 1.35 11.07
N ASN A 117 -9.15 2.47 11.81
CA ASN A 117 -10.38 3.26 11.90
C ASN A 117 -10.80 3.78 10.54
N TRP A 118 -9.83 4.18 9.71
CA TRP A 118 -10.14 4.67 8.38
C TRP A 118 -10.72 3.56 7.51
N LEU A 119 -10.13 2.36 7.56
CA LEU A 119 -10.68 1.23 6.81
C LEU A 119 -12.10 0.93 7.26
N GLU A 120 -12.38 1.08 8.55
CA GLU A 120 -13.67 0.67 9.11
C GLU A 120 -14.78 1.66 8.74
N GLN A 121 -14.52 2.97 8.85
CA GLN A 121 -15.51 3.93 8.37
C GLN A 121 -15.71 3.82 6.87
N LEU A 122 -14.72 3.27 6.15
CA LEU A 122 -14.87 3.04 4.72
C LEU A 122 -15.85 1.89 4.45
N LYS A 123 -15.64 0.76 5.12
CA LYS A 123 -16.58 -0.35 4.97
C LYS A 123 -17.95 0.02 5.50
N THR A 124 -18.02 0.84 6.55
CA THR A 124 -19.30 1.30 7.07
C THR A 124 -20.05 2.11 6.03
N LYS A 125 -19.38 3.10 5.43
CA LYS A 125 -20.03 3.96 4.45
C LYS A 125 -20.56 3.18 3.25
N ALA A 126 -20.00 2.00 2.98
CA ALA A 126 -20.45 1.20 1.84
C ALA A 126 -21.72 0.41 2.14
N GLY A 127 -22.15 0.35 3.40
CA GLY A 127 -23.40 -0.29 3.74
C GLY A 127 -23.24 -1.76 4.08
N PRO A 128 -24.35 -2.39 4.50
CA PRO A 128 -24.28 -3.79 4.95
C PRO A 128 -24.04 -4.80 3.84
N SER A 129 -24.10 -4.39 2.58
CA SER A 129 -23.87 -5.30 1.46
C SER A 129 -22.40 -5.44 1.09
N SER A 130 -21.51 -4.72 1.77
CA SER A 130 -20.09 -4.76 1.42
C SER A 130 -19.44 -6.03 1.98
N ASP A 131 -18.63 -6.68 1.15
CA ASP A 131 -17.93 -7.89 1.54
C ASP A 131 -16.53 -7.62 2.07
N GLY A 132 -16.09 -6.37 2.11
CA GLY A 132 -14.80 -6.02 2.66
C GLY A 132 -14.00 -5.20 1.67
N ILE A 133 -12.70 -5.09 1.96
CA ILE A 133 -11.80 -4.24 1.23
C ILE A 133 -10.72 -5.10 0.56
N VAL A 134 -10.36 -4.72 -0.67
CA VAL A 134 -9.21 -5.31 -1.36
C VAL A 134 -8.17 -4.20 -1.50
N LEU A 135 -7.02 -4.39 -0.86
CA LEU A 135 -5.92 -3.45 -0.95
C LEU A 135 -5.10 -3.78 -2.20
N ILE A 136 -4.95 -2.79 -3.07
CA ILE A 136 -4.26 -2.95 -4.36
C ILE A 136 -2.91 -2.24 -4.26
N TYR A 137 -1.85 -2.98 -4.57
CA TYR A 137 -0.50 -2.45 -4.59
C TYR A 137 0.15 -2.80 -5.93
N HIS A 138 1.29 -2.17 -6.21
CA HIS A 138 1.94 -2.28 -7.51
C HIS A 138 3.44 -2.30 -7.29
N GLU A 139 4.06 -3.46 -7.54
CA GLU A 139 5.51 -3.61 -7.39
C GLU A 139 5.93 -4.92 -8.02
N GLU A 140 7.21 -4.98 -8.43
CA GLU A 140 7.74 -6.20 -9.03
C GLU A 140 8.07 -7.25 -7.97
N ARG A 141 8.66 -6.82 -6.85
CA ARG A 141 9.08 -7.70 -5.79
C ARG A 141 8.12 -7.56 -4.61
N LYS A 142 7.40 -8.63 -4.30
CA LYS A 142 6.40 -8.59 -3.24
C LYS A 142 7.03 -8.14 -1.93
N PHE A 143 6.46 -7.08 -1.34
CA PHE A 143 7.07 -6.45 -0.17
C PHE A 143 6.02 -5.72 0.66
N ILE A 144 5.22 -4.88 0.01
CA ILE A 144 4.24 -4.02 0.68
C ILE A 144 3.34 -4.85 1.60
N PRO A 145 2.66 -5.89 1.10
CA PRO A 145 1.77 -6.65 2.01
C PRO A 145 2.52 -7.30 3.17
N TYR A 146 3.73 -7.80 2.94
CA TYR A 146 4.48 -8.43 4.02
C TYR A 146 4.79 -7.44 5.13
N MET A 147 5.21 -6.22 4.77
CA MET A 147 5.58 -5.23 5.78
C MET A 147 4.37 -4.82 6.61
N ILE A 148 3.24 -4.58 5.95
CA ILE A 148 2.03 -4.14 6.67
C ILE A 148 1.54 -5.26 7.58
N LEU A 149 1.49 -6.49 7.07
CA LEU A 149 1.03 -7.61 7.90
C LEU A 149 1.97 -7.84 9.07
N GLU A 150 3.27 -7.65 8.86
CA GLU A 150 4.22 -7.82 9.96
C GLU A 150 3.98 -6.80 11.06
N SER A 151 3.69 -5.54 10.69
CA SER A 151 3.45 -4.52 11.70
C SER A 151 2.14 -4.75 12.43
N LEU A 152 1.11 -5.20 11.72
CA LEU A 152 -0.15 -5.56 12.38
C LEU A 152 0.06 -6.71 13.34
N LYS A 153 0.65 -7.80 12.85
CA LYS A 153 0.96 -8.95 13.70
C LYS A 153 1.79 -8.54 14.91
N LYS A 154 2.65 -7.53 14.74
CA LYS A 154 3.49 -7.06 15.85
C LYS A 154 2.65 -6.62 17.04
N TYR A 155 1.51 -5.97 16.78
CA TYR A 155 0.70 -5.37 17.81
C TYR A 155 -0.61 -6.11 18.06
N GLY A 156 -0.79 -7.28 17.45
CA GLY A 156 -2.01 -8.05 17.66
C GLY A 156 -3.23 -7.48 16.97
N LEU A 157 -3.04 -6.77 15.87
CA LEU A 157 -4.14 -6.13 15.16
C LEU A 157 -4.59 -6.90 13.92
N LEU A 158 -4.05 -8.10 13.71
CA LEU A 158 -4.36 -8.85 12.50
C LEU A 158 -5.83 -9.26 12.44
N GLU A 159 -6.38 -9.73 13.56
CA GLU A 159 -7.78 -10.11 13.58
C GLU A 159 -8.68 -8.92 13.25
N ARG A 160 -8.43 -7.78 13.91
CA ARG A 160 -9.21 -6.58 13.62
C ARG A 160 -9.04 -6.16 12.17
N PHE A 161 -7.82 -6.24 11.64
CA PHE A 161 -7.57 -5.88 10.25
C PHE A 161 -8.41 -6.73 9.30
N THR A 162 -8.41 -8.05 9.50
CA THR A 162 -9.11 -8.94 8.59
C THR A 162 -10.61 -8.74 8.59
N ALA A 163 -11.16 -8.07 9.60
CA ALA A 163 -12.60 -7.77 9.60
C ALA A 163 -12.95 -6.80 8.49
N SER A 164 -12.03 -5.91 8.12
CA SER A 164 -12.26 -4.94 7.05
C SER A 164 -11.61 -5.37 5.74
N VAL A 165 -10.33 -5.71 5.77
CA VAL A 165 -9.58 -6.06 4.56
C VAL A 165 -9.61 -7.57 4.38
N LYS A 166 -9.90 -8.01 3.15
CA LYS A 166 -9.97 -9.42 2.83
C LYS A 166 -8.84 -9.91 1.93
N SER A 167 -8.08 -9.01 1.32
CA SER A 167 -7.06 -9.45 0.38
C SER A 167 -6.13 -8.31 0.01
N PHE A 168 -4.87 -8.65 -0.22
CA PHE A 168 -3.93 -7.82 -0.96
C PHE A 168 -3.83 -8.36 -2.39
N ALA A 169 -3.76 -7.45 -3.36
CA ALA A 169 -3.71 -7.84 -4.77
C ALA A 169 -2.70 -6.98 -5.49
N ASN A 170 -1.72 -7.61 -6.14
CA ASN A 170 -0.69 -6.90 -6.89
C ASN A 170 -1.22 -6.62 -8.29
N SER A 171 -1.39 -5.34 -8.63
CA SER A 171 -1.92 -4.95 -9.93
C SER A 171 -0.87 -4.97 -11.03
N ILE A 172 0.38 -5.29 -10.72
CA ILE A 172 1.44 -5.27 -11.73
C ILE A 172 1.15 -6.29 -12.83
N ASN A 173 0.38 -7.33 -12.54
CA ASN A 173 0.07 -8.32 -13.56
C ASN A 173 -0.78 -7.75 -14.68
N LEU A 174 -1.68 -6.82 -14.36
CA LEU A 174 -2.41 -6.11 -15.41
C LEU A 174 -1.45 -5.41 -16.35
N ALA A 175 -0.44 -4.74 -15.79
CA ALA A 175 0.53 -4.03 -16.62
C ALA A 175 1.31 -4.99 -17.50
N LYS A 176 1.67 -6.16 -16.96
CA LYS A 176 2.43 -7.13 -17.75
C LYS A 176 1.61 -7.65 -18.93
N ALA A 177 0.28 -7.73 -18.78
CA ALA A 177 -0.57 -8.19 -19.87
C ALA A 177 -0.81 -7.12 -20.92
N SER A 178 -0.63 -5.85 -20.58
CA SER A 178 -0.85 -4.75 -21.51
C SER A 178 0.45 -4.24 -22.14
N ILE A 179 1.55 -4.96 -21.97
CA ILE A 179 2.83 -4.54 -22.51
C ILE A 179 3.34 -5.53 -23.56
N ILE A 184 7.96 -5.00 -24.08
CA ILE A 184 7.89 -4.21 -22.86
C ILE A 184 8.03 -5.10 -21.63
N LYS A 185 9.09 -4.87 -20.86
CA LYS A 185 9.37 -5.67 -19.67
C LYS A 185 9.03 -4.92 -18.39
N ASN A 186 9.85 -3.94 -18.04
CA ASN A 186 9.71 -3.21 -16.78
C ASN A 186 9.30 -1.77 -17.07
N TYR A 187 8.16 -1.36 -16.51
CA TYR A 187 7.68 0.01 -16.59
C TYR A 187 7.21 0.45 -15.22
N SER A 188 7.66 1.63 -14.78
CA SER A 188 7.29 2.13 -13.47
C SER A 188 5.83 2.56 -13.46
N LEU A 189 5.37 3.05 -12.30
CA LEU A 189 4.00 3.56 -12.19
C LEU A 189 3.86 4.87 -12.95
N ARG A 190 4.71 5.86 -12.63
CA ARG A 190 4.68 7.13 -13.35
C ARG A 190 4.88 6.92 -14.84
N LYS A 191 5.66 5.90 -15.23
CA LYS A 191 5.85 5.60 -16.64
C LYS A 191 4.55 5.12 -17.27
N LEU A 192 3.84 4.19 -16.60
CA LEU A 192 2.59 3.68 -17.13
C LEU A 192 1.52 4.77 -17.15
N SER A 193 1.43 5.57 -16.10
CA SER A 193 0.42 6.63 -16.04
C SER A 193 0.59 7.60 -17.21
N LYS A 194 1.83 8.01 -17.50
CA LYS A 194 2.07 8.91 -18.62
C LYS A 194 1.66 8.26 -19.94
N ILE A 195 2.03 7.00 -20.13
CA ILE A 195 1.68 6.30 -21.37
C ILE A 195 0.16 6.23 -21.53
N LEU A 196 -0.52 5.69 -20.52
CA LEU A 196 -1.97 5.53 -20.57
C LEU A 196 -2.69 6.87 -20.71
N SER A 197 -2.04 7.97 -20.35
CA SER A 197 -2.65 9.30 -20.43
C SER A 197 -2.09 10.06 -21.63
N LEU A 256 4.16 15.54 -9.62
CA LEU A 256 3.94 14.65 -8.49
C LEU A 256 5.18 13.78 -8.25
N PHE A 257 5.66 13.78 -7.01
CA PHE A 257 6.88 13.07 -6.64
C PHE A 257 6.53 11.64 -6.27
N ASP A 258 7.01 10.68 -7.06
CA ASP A 258 6.64 9.28 -6.88
C ASP A 258 7.42 8.59 -5.76
N GLY A 259 8.36 9.28 -5.11
CA GLY A 259 8.95 8.74 -3.90
C GLY A 259 8.03 8.79 -2.70
N ASN A 260 6.90 9.48 -2.82
CA ASN A 260 5.93 9.62 -1.74
C ASN A 260 4.88 8.53 -1.86
N ALA A 261 4.66 7.79 -0.77
CA ALA A 261 3.73 6.67 -0.81
C ALA A 261 2.33 7.10 -1.21
N SER A 262 1.91 8.31 -0.82
CA SER A 262 0.56 8.76 -1.15
C SER A 262 0.40 8.97 -2.65
N VAL A 263 1.46 9.40 -3.33
CA VAL A 263 1.40 9.54 -4.79
C VAL A 263 1.31 8.17 -5.45
N ARG A 264 2.05 7.20 -4.94
CA ARG A 264 2.05 5.87 -5.55
C ARG A 264 0.75 5.13 -5.27
N ALA A 265 0.12 5.39 -4.11
CA ALA A 265 -1.16 4.75 -3.82
C ALA A 265 -2.23 5.21 -4.81
N LYS A 266 -2.21 6.50 -5.17
CA LYS A 266 -3.13 7.00 -6.19
C LYS A 266 -2.81 6.41 -7.56
N LEU A 267 -1.52 6.36 -7.92
CA LEU A 267 -1.13 5.86 -9.24
C LEU A 267 -1.51 4.40 -9.40
N ALA A 268 -1.24 3.57 -8.39
CA ALA A 268 -1.58 2.16 -8.48
C ALA A 268 -3.06 1.97 -8.77
N PHE A 269 -3.91 2.79 -8.14
CA PHE A 269 -5.36 2.68 -8.36
C PHE A 269 -5.72 3.12 -9.77
N ASP A 270 -5.26 4.31 -10.19
CA ASP A 270 -5.68 4.85 -11.48
C ASP A 270 -5.16 4.01 -12.64
N VAL A 271 -3.90 3.58 -12.57
CA VAL A 271 -3.35 2.72 -13.63
C VAL A 271 -4.17 1.45 -13.75
N ALA A 272 -4.53 0.84 -12.62
CA ALA A 272 -5.32 -0.37 -12.65
C ALA A 272 -6.72 -0.10 -13.22
N LEU A 273 -7.29 1.06 -12.89
CA LEU A 273 -8.60 1.41 -13.43
C LEU A 273 -8.51 1.65 -14.94
N GLN A 274 -7.43 2.28 -15.39
CA GLN A 274 -7.24 2.52 -16.82
C GLN A 274 -7.06 1.21 -17.58
N LEU A 275 -6.15 0.36 -17.10
CA LEU A 275 -5.87 -0.88 -17.82
C LEU A 275 -7.08 -1.81 -17.81
N SER A 276 -7.77 -1.92 -16.67
CA SER A 276 -8.90 -2.84 -16.58
C SER A 276 -10.07 -2.39 -17.44
N ASN A 277 -10.12 -1.11 -17.83
CA ASN A 277 -11.20 -0.58 -18.66
C ASN A 277 -10.75 -0.25 -20.07
N SER A 278 -9.49 -0.51 -20.42
CA SER A 278 -8.98 -0.19 -21.75
C SER A 278 -9.32 1.24 -22.14
N ASP A 279 -9.19 2.14 -21.16
CA ASP A 279 -9.60 3.52 -21.31
C ASP A 279 -8.62 4.42 -20.58
N GLY A 280 -8.23 5.52 -21.23
CA GLY A 280 -7.28 6.43 -20.61
C GLY A 280 -7.91 7.34 -19.57
N LYS A 281 -9.20 7.62 -19.71
CA LYS A 281 -9.93 8.49 -18.78
C LYS A 281 -11.22 7.80 -18.36
N PRO A 282 -11.12 6.69 -17.61
CA PRO A 282 -12.33 6.04 -17.11
C PRO A 282 -12.95 6.83 -15.97
N GLU A 283 -14.24 6.61 -15.77
CA GLU A 283 -14.97 7.27 -14.69
C GLU A 283 -14.77 6.50 -13.40
N PRO A 284 -14.02 7.03 -12.43
CA PRO A 284 -13.75 6.27 -11.20
C PRO A 284 -14.99 6.09 -10.32
N LYS A 285 -16.07 6.84 -10.56
CA LYS A 285 -17.32 6.65 -9.86
C LYS A 285 -18.31 5.82 -10.65
N SER A 286 -17.88 5.23 -11.76
CA SER A 286 -18.76 4.39 -12.57
C SER A 286 -18.82 2.98 -12.00
N SER A 287 -20.03 2.48 -11.79
CA SER A 287 -20.19 1.13 -11.25
C SER A 287 -19.51 0.10 -12.13
N GLU A 288 -19.68 0.21 -13.45
CA GLU A 288 -19.09 -0.78 -14.35
C GLU A 288 -17.56 -0.65 -14.38
N ALA A 289 -17.05 0.57 -14.34
CA ALA A 289 -15.60 0.77 -14.35
C ALA A 289 -14.96 0.09 -13.15
N LEU A 290 -15.51 0.31 -11.95
CA LEU A 290 -14.98 -0.34 -10.76
C LEU A 290 -15.19 -1.85 -10.83
N GLU A 291 -16.30 -2.30 -11.41
CA GLU A 291 -16.54 -3.72 -11.56
C GLU A 291 -15.54 -4.35 -12.51
N ASN A 292 -15.23 -3.66 -13.62
CA ASN A 292 -14.16 -4.13 -14.51
C ASN A 292 -12.84 -4.22 -13.76
N MET A 293 -12.55 -3.20 -12.93
CA MET A 293 -11.29 -3.18 -12.19
C MET A 293 -11.19 -4.38 -11.27
N PHE A 294 -12.24 -4.64 -10.47
CA PHE A 294 -12.21 -5.75 -9.53
C PHE A 294 -11.99 -7.07 -10.25
N ASN A 295 -12.77 -7.32 -11.31
CA ASN A 295 -12.66 -8.60 -12.00
C ASN A 295 -11.31 -8.77 -12.68
N ALA A 296 -10.67 -7.66 -13.08
CA ALA A 296 -9.36 -7.75 -13.70
C ALA A 296 -8.29 -8.17 -12.68
N ILE A 297 -8.39 -7.67 -11.45
CA ILE A 297 -7.40 -7.98 -10.42
C ILE A 297 -7.75 -9.22 -9.61
N ARG A 298 -9.00 -9.66 -9.63
CA ARG A 298 -9.40 -10.80 -8.81
C ARG A 298 -8.50 -12.01 -8.98
N PRO A 299 -8.08 -12.41 -10.20
CA PRO A 299 -7.22 -13.59 -10.32
C PRO A 299 -5.92 -13.49 -9.55
N PHE A 300 -5.44 -12.28 -9.27
CA PHE A 300 -4.19 -12.08 -8.56
C PHE A 300 -4.39 -11.75 -7.08
N ALA A 301 -5.64 -11.64 -6.62
CA ALA A 301 -5.92 -11.26 -5.25
C ALA A 301 -5.69 -12.45 -4.33
N LYS A 302 -4.83 -12.28 -3.33
CA LYS A 302 -4.55 -13.30 -2.35
C LYS A 302 -5.31 -13.00 -1.06
N LEU A 303 -5.84 -14.04 -0.44
CA LEU A 303 -6.46 -13.90 0.87
C LEU A 303 -5.40 -13.53 1.90
N VAL A 304 -5.81 -12.71 2.88
CA VAL A 304 -4.87 -12.27 3.91
C VAL A 304 -4.19 -13.47 4.55
N VAL A 305 -4.94 -14.55 4.80
CA VAL A 305 -4.36 -15.73 5.42
C VAL A 305 -3.22 -16.28 4.56
N SER A 306 -3.39 -16.25 3.24
CA SER A 306 -2.37 -16.79 2.36
C SER A 306 -1.08 -15.98 2.46
N ASP A 307 -1.19 -14.65 2.48
CA ASP A 307 0.00 -13.82 2.58
C ASP A 307 0.67 -13.94 3.94
N VAL A 308 -0.12 -14.10 5.01
CA VAL A 308 0.46 -14.30 6.33
C VAL A 308 1.34 -15.55 6.34
N LEU A 309 0.86 -16.64 5.74
CA LEU A 309 1.66 -17.85 5.68
C LEU A 309 2.95 -17.63 4.90
N GLU A 310 2.86 -16.94 3.77
CA GLU A 310 4.07 -16.56 3.05
C GLU A 310 4.98 -15.69 3.91
N LEU A 311 4.39 -14.77 4.67
CA LEU A 311 5.18 -13.93 5.57
C LEU A 311 5.86 -14.76 6.64
N ASP A 312 5.12 -15.65 7.31
CA ASP A 312 5.71 -16.47 8.35
C ASP A 312 6.87 -17.29 7.81
N ILE A 313 6.77 -17.76 6.57
CA ILE A 313 7.84 -18.55 5.97
C ILE A 313 9.07 -17.67 5.74
N GLN A 314 8.88 -16.51 5.11
CA GLN A 314 10.01 -15.62 4.85
C GLN A 314 10.71 -15.21 6.15
N ILE A 315 9.95 -15.07 7.25
CA ILE A 315 10.57 -14.73 8.52
C ILE A 315 11.30 -15.93 9.10
N GLU A 316 10.78 -17.14 8.87
CA GLU A 316 11.47 -18.34 9.35
C GLU A 316 12.82 -18.51 8.66
N ASN A 317 12.95 -18.02 7.43
CA ASN A 317 14.22 -18.17 6.70
C ASN A 317 15.25 -17.17 7.19
N LEU A 318 14.87 -15.90 7.36
CA LEU A 318 15.82 -14.88 7.79
C LEU A 318 16.38 -15.19 9.17
N GLU A 319 15.53 -15.69 10.08
CA GLU A 319 16.00 -16.03 11.42
C GLU A 319 17.04 -17.13 11.37
N ARG A 320 16.87 -18.10 10.47
CA ARG A 320 17.86 -19.17 10.32
C ARG A 320 19.04 -18.71 9.47
N GLN A 321 18.77 -17.91 8.44
CA GLN A 321 19.82 -17.41 7.56
C GLN A 321 20.53 -16.17 8.11
N ASN A 322 20.43 -15.93 9.43
CA ASN A 322 21.10 -14.79 10.05
C ASN A 322 22.37 -15.24 10.76
#